data_3I9Y
#
_entry.id   3I9Y
#
_cell.length_a   149.880
_cell.length_b   149.880
_cell.length_c   42.712
_cell.angle_alpha   90.000
_cell.angle_beta   90.000
_cell.angle_gamma   120.000
#
_symmetry.space_group_name_H-M   'P 65'
#
loop_
_entity.id
_entity.type
_entity.pdbx_description
1 polymer 'Sensor protein'
2 water water
#
_entity_poly.entity_id   1
_entity_poly.type   'polypeptide(L)'
_entity_poly.pdbx_seq_one_letter_code
;GSGSAMIEARQVSELSTRIISSVQMLSNAQNEQERKEAGRVLFEQLESLLTHIKELGGESFDSKLLDALESNVQNVINNL
AELGVTVERKLWLAKEIDTRVEEMRLLSEELEQLTRTQVQNTSTIAVANVTHIYDLLEANKKDQVYQALDALVEVDLDLT
ERLHELHLLAFKMLNQIEEARTLTNVDRIQQIQTAFENNLKIMKRRVLAVEDPTRSKQMSQLLTELGKRQVVFTILLQQY
ENNEQSQQLMQKTLELFSELNSTVNKLVDDSNKTTT
;
_entity_poly.pdbx_strand_id   A
#
# COMPACT_ATOMS: atom_id res chain seq x y z
N SER A 4 18.09 38.17 9.32
CA SER A 4 19.05 37.12 9.84
C SER A 4 18.39 35.88 10.55
N ALA A 5 17.57 36.12 11.56
CA ALA A 5 16.75 35.09 12.09
C ALA A 5 15.70 35.03 10.92
N MET A 6 15.37 36.20 10.37
CA MET A 6 14.45 36.23 9.28
C MET A 6 15.00 35.50 7.99
N ILE A 7 16.28 35.59 7.76
CA ILE A 7 16.93 34.98 6.65
C ILE A 7 16.78 33.36 6.79
N GLU A 8 17.10 32.83 7.96
CA GLU A 8 16.91 31.42 8.30
C GLU A 8 15.46 31.04 8.23
N ALA A 9 14.48 31.83 8.71
CA ALA A 9 13.09 31.44 8.70
C ALA A 9 12.49 31.29 7.29
N ARG A 10 12.93 32.16 6.36
CA ARG A 10 12.38 32.15 5.01
C ARG A 10 12.86 30.78 4.38
N GLN A 11 14.16 30.42 4.53
CA GLN A 11 14.68 29.20 4.02
C GLN A 11 13.93 27.96 4.69
N VAL A 12 13.71 28.00 6.00
CA VAL A 12 12.98 26.90 6.63
C VAL A 12 11.57 26.80 5.97
N SER A 13 10.92 27.95 5.78
CA SER A 13 9.53 27.94 5.26
C SER A 13 9.53 27.38 3.76
N GLU A 14 10.51 27.77 2.98
CA GLU A 14 10.49 27.28 1.65
C GLU A 14 10.93 25.81 1.56
N LEU A 15 11.88 25.36 2.41
CA LEU A 15 12.30 23.94 2.40
C LEU A 15 11.01 23.08 2.92
N SER A 16 10.19 23.59 3.82
CA SER A 16 9.02 22.93 4.28
C SER A 16 8.08 22.67 3.07
N THR A 17 7.77 23.72 2.33
CA THR A 17 6.94 23.46 1.16
C THR A 17 7.60 22.55 0.13
N ARG A 18 8.90 22.59 -0.07
CA ARG A 18 9.47 21.63 -0.92
C ARG A 18 9.37 20.15 -0.41
N ILE A 19 9.55 19.96 0.93
CA ILE A 19 9.55 18.65 1.47
C ILE A 19 8.14 18.12 1.31
N ILE A 20 7.14 18.98 1.55
CA ILE A 20 5.78 18.55 1.40
C ILE A 20 5.54 17.99 -0.08
N SER A 21 6.04 18.68 -1.14
CA SER A 21 5.98 18.08 -2.48
C SER A 21 6.82 16.79 -2.59
N SER A 22 8.09 16.75 -2.12
CA SER A 22 8.81 15.51 -2.17
C SER A 22 8.04 14.38 -1.44
N VAL A 23 7.26 14.62 -0.42
CA VAL A 23 6.52 13.57 0.22
C VAL A 23 5.39 13.04 -0.83
N GLN A 24 4.76 13.95 -1.60
CA GLN A 24 3.78 13.50 -2.56
C GLN A 24 4.50 12.76 -3.66
N MET A 25 5.73 13.18 -4.04
CA MET A 25 6.43 12.44 -5.02
C MET A 25 6.69 10.97 -4.51
N LEU A 26 7.10 10.89 -3.27
CA LEU A 26 7.41 9.64 -2.68
C LEU A 26 6.17 8.83 -2.64
N SER A 27 5.05 9.35 -2.20
CA SER A 27 3.91 8.47 -2.13
C SER A 27 3.32 8.14 -3.60
N ASN A 28 3.71 8.74 -4.70
CA ASN A 28 3.23 8.37 -5.99
C ASN A 28 4.24 7.53 -6.72
N ALA A 29 5.33 7.14 -6.00
CA ALA A 29 6.34 6.34 -6.68
C ALA A 29 5.72 4.95 -7.05
N GLN A 30 6.06 4.51 -8.25
CA GLN A 30 5.52 3.18 -8.75
C GLN A 30 6.53 2.06 -8.72
N ASN A 31 7.79 2.29 -8.45
CA ASN A 31 8.72 1.20 -8.44
C ASN A 31 9.92 1.66 -7.59
N GLU A 32 10.85 0.73 -7.42
CA GLU A 32 11.96 0.93 -6.60
C GLU A 32 12.73 2.10 -7.11
N GLN A 33 12.90 2.26 -8.44
CA GLN A 33 13.78 3.36 -8.77
C GLN A 33 13.22 4.69 -8.41
N GLU A 34 11.95 4.87 -8.65
CA GLU A 34 11.37 6.11 -8.35
C GLU A 34 11.32 6.33 -6.79
N ARG A 35 11.12 5.22 -6.06
CA ARG A 35 10.89 5.31 -4.65
C ARG A 35 12.28 5.82 -4.10
N LYS A 36 13.35 5.16 -4.54
CA LYS A 36 14.69 5.56 -4.01
C LYS A 36 15.07 6.96 -4.42
N GLU A 37 14.75 7.35 -5.64
CA GLU A 37 15.06 8.68 -6.11
C GLU A 37 14.21 9.65 -5.31
N ALA A 38 12.87 9.47 -5.12
CA ALA A 38 12.16 10.47 -4.28
C ALA A 38 12.74 10.47 -2.81
N GLY A 39 13.26 9.33 -2.36
CA GLY A 39 13.66 9.33 -0.96
C GLY A 39 14.98 10.07 -0.83
N ARG A 40 15.79 10.01 -1.85
CA ARG A 40 17.13 10.66 -1.85
C ARG A 40 16.75 12.19 -1.93
N VAL A 41 15.84 12.58 -2.82
CA VAL A 41 15.67 13.98 -2.74
C VAL A 41 15.10 14.58 -1.33
N LEU A 42 14.20 13.87 -0.70
CA LEU A 42 13.55 14.27 0.44
C LEU A 42 14.58 14.33 1.58
N PHE A 43 15.52 13.41 1.62
CA PHE A 43 16.56 13.44 2.64
C PHE A 43 17.49 14.61 2.40
N GLU A 44 17.82 14.97 1.13
CA GLU A 44 18.71 16.11 1.00
C GLU A 44 18.01 17.44 1.54
N GLN A 45 16.75 17.57 1.23
CA GLN A 45 15.97 18.74 1.58
C GLN A 45 15.75 18.73 3.14
N LEU A 46 15.57 17.58 3.75
CA LEU A 46 15.41 17.62 5.18
C LEU A 46 16.82 18.09 5.85
N GLU A 47 17.93 17.60 5.33
CA GLU A 47 19.26 17.92 5.83
C GLU A 47 19.50 19.46 5.72
N SER A 48 19.09 20.03 4.57
CA SER A 48 19.23 21.46 4.50
C SER A 48 18.24 22.11 5.50
N LEU A 49 17.01 21.62 5.60
CA LEU A 49 16.08 22.27 6.47
C LEU A 49 16.72 22.26 7.92
N LEU A 50 17.46 21.14 8.25
CA LEU A 50 17.95 20.95 9.63
C LEU A 50 19.14 21.98 9.84
N THR A 51 20.00 22.22 8.82
CA THR A 51 21.01 23.21 9.08
C THR A 51 20.42 24.61 9.25
N HIS A 52 19.32 24.93 8.64
CA HIS A 52 18.85 26.29 8.89
C HIS A 52 18.17 26.36 10.28
N ILE A 53 17.57 25.23 10.71
CA ILE A 53 16.91 25.25 11.98
C ILE A 53 18.02 25.42 13.06
N LYS A 54 19.12 24.75 12.88
CA LYS A 54 20.23 24.86 13.80
C LYS A 54 20.76 26.33 13.82
N GLU A 55 20.98 26.97 12.68
CA GLU A 55 21.40 28.38 12.71
C GLU A 55 20.42 29.22 13.54
N LEU A 56 19.12 29.07 13.28
CA LEU A 56 18.02 29.77 13.94
C LEU A 56 18.02 29.62 15.43
N GLY A 57 18.24 28.42 15.94
CA GLY A 57 18.22 28.29 17.38
C GLY A 57 19.53 28.63 18.06
N GLY A 58 20.63 28.66 17.32
CA GLY A 58 21.91 28.98 17.89
C GLY A 58 21.84 30.38 18.43
N GLU A 59 21.07 31.26 17.81
CA GLU A 59 20.90 32.64 18.22
C GLU A 59 19.67 32.73 19.10
N SER A 60 19.30 31.72 19.91
CA SER A 60 18.15 31.94 20.78
C SER A 60 18.36 31.62 22.18
N PHE A 61 17.55 32.34 22.97
CA PHE A 61 17.60 32.34 24.40
C PHE A 61 16.39 31.74 25.03
N ASP A 62 15.20 32.00 24.49
CA ASP A 62 13.98 31.52 25.14
C ASP A 62 13.88 30.00 25.24
N SER A 63 14.23 29.47 26.37
CA SER A 63 14.30 28.07 26.37
C SER A 63 12.89 27.36 26.18
N LYS A 64 11.80 28.12 26.36
CA LYS A 64 10.54 27.47 26.23
C LYS A 64 10.26 27.32 24.76
N LEU A 65 10.60 28.34 23.99
CA LEU A 65 10.42 28.28 22.59
C LEU A 65 11.36 27.23 21.99
N LEU A 66 12.61 27.22 22.42
CA LEU A 66 13.49 26.29 21.97
C LEU A 66 13.10 24.84 22.30
N ASP A 67 12.39 24.58 23.39
CA ASP A 67 11.98 23.27 23.65
C ASP A 67 10.81 22.87 22.63
N ALA A 68 9.88 23.78 22.39
CA ALA A 68 8.84 23.54 21.49
C ALA A 68 9.47 23.31 20.08
N LEU A 69 10.43 24.10 19.65
CA LEU A 69 11.02 23.89 18.36
C LEU A 69 11.72 22.41 18.26
N GLU A 70 12.40 21.97 19.31
CA GLU A 70 13.11 20.71 19.32
C GLU A 70 12.03 19.60 19.22
N SER A 71 10.90 19.73 19.94
CA SER A 71 10.01 18.66 19.83
C SER A 71 9.28 18.76 18.37
N ASN A 72 9.02 20.00 17.81
CA ASN A 72 8.43 20.08 16.47
C ASN A 72 9.45 19.37 15.45
N VAL A 73 10.77 19.51 15.61
CA VAL A 73 11.68 18.95 14.71
C VAL A 73 11.69 17.35 14.83
N GLN A 74 11.67 16.83 16.05
CA GLN A 74 11.68 15.41 16.27
C GLN A 74 10.35 14.82 15.63
N ASN A 75 9.22 15.51 15.78
CA ASN A 75 8.03 15.00 15.25
C ASN A 75 8.08 14.92 13.70
N VAL A 76 8.67 15.90 13.02
CA VAL A 76 8.79 15.90 11.61
C VAL A 76 9.71 14.75 11.24
N ILE A 77 10.88 14.61 11.87
CA ILE A 77 11.82 13.57 11.50
C ILE A 77 11.11 12.19 11.69
N ASN A 78 10.42 11.90 12.81
CA ASN A 78 9.77 10.58 13.00
C ASN A 78 8.65 10.32 11.98
N ASN A 79 7.91 11.37 11.59
CA ASN A 79 6.81 11.25 10.67
C ASN A 79 7.39 10.89 9.28
N LEU A 80 8.45 11.53 8.87
CA LEU A 80 9.05 11.22 7.63
C LEU A 80 9.72 9.79 7.64
N ALA A 81 10.29 9.32 8.76
CA ALA A 81 11.00 8.04 8.73
C ALA A 81 9.81 7.07 8.68
N GLU A 82 8.68 7.29 9.36
CA GLU A 82 7.67 6.31 9.33
C GLU A 82 7.01 6.16 7.88
N LEU A 83 6.81 7.27 7.20
CA LEU A 83 6.24 7.26 5.88
C LEU A 83 7.30 6.53 5.03
N GLY A 84 8.59 6.72 5.18
CA GLY A 84 9.49 5.90 4.33
C GLY A 84 9.27 4.36 4.44
N VAL A 85 9.05 3.84 5.63
CA VAL A 85 8.89 2.38 5.87
C VAL A 85 7.53 1.97 5.19
N THR A 86 6.48 2.79 5.41
CA THR A 86 5.15 2.61 4.83
C THR A 86 5.12 2.54 3.32
N VAL A 87 5.83 3.46 2.67
CA VAL A 87 5.83 3.52 1.22
C VAL A 87 6.62 2.31 0.68
N GLU A 88 7.72 1.92 1.32
CA GLU A 88 8.43 0.80 0.81
C GLU A 88 7.53 -0.51 1.03
N ARG A 89 6.85 -0.60 2.15
CA ARG A 89 6.06 -1.74 2.41
C ARG A 89 4.86 -1.78 1.32
N LYS A 90 4.42 -0.61 0.90
CA LYS A 90 3.39 -0.51 -0.07
C LYS A 90 3.84 -1.13 -1.43
N LEU A 91 5.09 -0.96 -1.87
CA LEU A 91 5.49 -1.50 -3.12
C LEU A 91 5.70 -3.03 -2.98
N TRP A 92 6.26 -3.54 -1.85
CA TRP A 92 6.39 -4.98 -1.76
C TRP A 92 4.98 -5.63 -1.68
N LEU A 93 4.11 -5.12 -0.86
CA LEU A 93 2.77 -5.72 -0.72
C LEU A 93 2.10 -5.76 -2.19
N ALA A 94 2.29 -4.75 -3.06
CA ALA A 94 1.58 -4.67 -4.30
C ALA A 94 2.14 -5.83 -5.18
N LYS A 95 3.43 -6.05 -5.05
CA LYS A 95 4.15 -7.14 -5.67
C LYS A 95 3.75 -8.49 -5.23
N GLU A 96 3.62 -8.72 -3.93
CA GLU A 96 3.25 -9.97 -3.43
C GLU A 96 1.81 -10.25 -4.09
N ILE A 97 0.89 -9.26 -4.01
CA ILE A 97 -0.41 -9.44 -4.56
C ILE A 97 -0.41 -9.70 -6.11
N ASP A 98 0.29 -8.93 -6.96
CA ASP A 98 0.25 -9.20 -8.34
C ASP A 98 0.85 -10.56 -8.72
N THR A 99 1.91 -10.96 -8.05
CA THR A 99 2.47 -12.26 -8.35
C THR A 99 1.41 -13.34 -8.03
N ARG A 100 0.78 -13.22 -6.92
CA ARG A 100 -0.19 -14.24 -6.56
C ARG A 100 -1.45 -14.28 -7.52
N VAL A 101 -1.91 -13.08 -7.97
CA VAL A 101 -3.05 -13.00 -8.83
C VAL A 101 -2.63 -13.65 -10.16
N GLU A 102 -1.41 -13.42 -10.65
CA GLU A 102 -0.98 -13.99 -11.91
C GLU A 102 -0.86 -15.54 -11.70
N GLU A 103 -0.38 -16.09 -10.59
CA GLU A 103 -0.41 -17.57 -10.48
C GLU A 103 -1.85 -18.08 -10.51
N MET A 104 -2.72 -17.33 -9.85
CA MET A 104 -4.13 -17.75 -9.78
C MET A 104 -4.81 -17.65 -11.20
N ARG A 105 -4.45 -16.63 -11.99
CA ARG A 105 -5.05 -16.49 -13.34
C ARG A 105 -4.51 -17.76 -14.15
N LEU A 106 -3.22 -18.10 -14.09
CA LEU A 106 -2.79 -19.25 -14.90
C LEU A 106 -3.52 -20.59 -14.47
N LEU A 107 -3.64 -20.86 -13.17
CA LEU A 107 -4.28 -22.09 -12.69
C LEU A 107 -5.74 -22.04 -13.19
N SER A 108 -6.42 -20.92 -13.10
CA SER A 108 -7.84 -20.83 -13.57
C SER A 108 -8.02 -21.16 -15.07
N GLU A 109 -7.17 -20.65 -15.90
CA GLU A 109 -7.27 -20.89 -17.28
C GLU A 109 -6.99 -22.37 -17.49
N GLU A 110 -5.95 -22.92 -16.85
CA GLU A 110 -5.73 -24.28 -17.02
C GLU A 110 -6.97 -25.15 -16.56
N LEU A 111 -7.56 -24.80 -15.45
CA LEU A 111 -8.76 -25.54 -15.02
C LEU A 111 -9.88 -25.42 -16.11
N GLU A 112 -10.06 -24.18 -16.62
CA GLU A 112 -11.18 -24.06 -17.55
C GLU A 112 -10.84 -24.88 -18.85
N GLN A 113 -9.61 -24.95 -19.30
CA GLN A 113 -9.27 -25.82 -20.43
C GLN A 113 -9.52 -27.33 -20.20
N LEU A 114 -9.35 -27.85 -18.97
CA LEU A 114 -9.69 -29.29 -18.68
C LEU A 114 -11.19 -29.44 -18.89
N THR A 115 -12.03 -28.42 -18.80
CA THR A 115 -13.40 -28.72 -18.97
C THR A 115 -13.72 -28.78 -20.47
N ARG A 116 -12.78 -28.56 -21.37
CA ARG A 116 -13.14 -28.62 -22.77
C ARG A 116 -13.08 -30.03 -23.24
N THR A 117 -13.97 -30.29 -24.18
CA THR A 117 -14.20 -31.61 -24.77
C THR A 117 -13.49 -31.76 -26.13
N LEU A 157 -23.76 -36.47 -22.40
CA LEU A 157 -24.78 -35.50 -22.81
C LEU A 157 -24.94 -34.51 -21.67
N ASP A 158 -25.13 -35.05 -20.46
CA ASP A 158 -25.27 -34.21 -19.28
C ASP A 158 -23.94 -33.96 -18.64
N LEU A 159 -22.88 -34.57 -19.21
CA LEU A 159 -21.49 -34.36 -18.83
C LEU A 159 -21.20 -32.93 -19.41
N THR A 160 -21.84 -32.63 -20.55
CA THR A 160 -21.71 -31.35 -21.20
C THR A 160 -22.21 -30.21 -20.39
N GLU A 161 -23.44 -30.20 -19.94
CA GLU A 161 -23.86 -29.07 -19.18
C GLU A 161 -23.09 -28.91 -17.81
N ARG A 162 -22.56 -30.03 -17.33
CA ARG A 162 -21.82 -30.16 -16.14
C ARG A 162 -20.36 -29.54 -16.36
N LEU A 163 -19.76 -29.78 -17.51
CA LEU A 163 -18.45 -29.27 -17.80
C LEU A 163 -18.72 -27.77 -18.03
N HIS A 164 -19.86 -27.35 -18.64
CA HIS A 164 -20.05 -25.94 -18.96
C HIS A 164 -20.24 -25.15 -17.66
N GLU A 165 -20.91 -25.72 -16.68
CA GLU A 165 -21.15 -25.06 -15.40
C GLU A 165 -19.72 -24.86 -14.61
N LEU A 166 -18.89 -25.86 -14.57
CA LEU A 166 -17.56 -25.81 -14.04
C LEU A 166 -16.73 -24.66 -14.78
N HIS A 167 -16.91 -24.63 -16.08
CA HIS A 167 -16.26 -23.62 -16.90
C HIS A 167 -16.70 -22.25 -16.51
N LEU A 168 -18.02 -22.00 -16.37
CA LEU A 168 -18.48 -20.72 -15.93
C LEU A 168 -18.03 -20.39 -14.49
N LEU A 169 -18.07 -21.36 -13.60
CA LEU A 169 -17.66 -21.12 -12.23
C LEU A 169 -16.12 -20.73 -12.13
N ALA A 170 -15.27 -21.32 -12.95
CA ALA A 170 -13.83 -21.00 -12.93
C ALA A 170 -13.77 -19.52 -13.47
N PHE A 171 -14.63 -19.10 -14.45
CA PHE A 171 -14.48 -17.72 -14.88
C PHE A 171 -14.99 -16.75 -13.76
N LYS A 172 -16.05 -17.14 -13.06
CA LYS A 172 -16.53 -16.23 -12.08
C LYS A 172 -15.46 -16.14 -10.90
N MET A 173 -14.79 -17.23 -10.55
CA MET A 173 -13.79 -17.08 -9.38
C MET A 173 -12.60 -16.14 -9.90
N LEU A 174 -12.22 -16.23 -11.18
CA LEU A 174 -11.15 -15.36 -11.67
C LEU A 174 -11.66 -13.87 -11.72
N ASN A 175 -12.90 -13.64 -12.06
CA ASN A 175 -13.41 -12.25 -12.07
C ASN A 175 -13.38 -11.77 -10.60
N GLN A 176 -13.72 -12.61 -9.62
CA GLN A 176 -13.68 -12.20 -8.17
C GLN A 176 -12.27 -11.74 -7.77
N ILE A 177 -11.24 -12.55 -8.12
CA ILE A 177 -9.88 -12.21 -7.76
C ILE A 177 -9.51 -10.89 -8.51
N GLU A 178 -9.79 -10.69 -9.86
CA GLU A 178 -9.45 -9.43 -10.54
C GLU A 178 -10.20 -8.28 -9.84
N GLU A 179 -11.47 -8.50 -9.38
CA GLU A 179 -12.17 -7.37 -8.82
C GLU A 179 -11.55 -6.99 -7.40
N ALA A 180 -11.32 -8.05 -6.57
CA ALA A 180 -10.79 -7.89 -5.25
C ALA A 180 -9.49 -7.04 -5.23
N ARG A 181 -8.54 -7.12 -6.22
CA ARG A 181 -7.33 -6.35 -5.99
C ARG A 181 -7.54 -4.92 -6.37
N THR A 182 -8.78 -4.53 -6.77
CA THR A 182 -8.95 -3.10 -7.16
C THR A 182 -9.83 -2.47 -6.08
N LEU A 183 -10.27 -3.17 -5.12
CA LEU A 183 -11.20 -2.55 -4.17
C LEU A 183 -10.45 -1.70 -3.12
N THR A 184 -11.12 -0.58 -2.75
CA THR A 184 -10.54 0.29 -1.74
C THR A 184 -11.48 0.22 -0.51
N ASN A 185 -12.43 -0.67 -0.48
CA ASN A 185 -13.30 -0.65 0.74
C ASN A 185 -13.09 -1.90 1.47
N VAL A 186 -12.88 -1.87 2.77
CA VAL A 186 -12.54 -3.06 3.43
C VAL A 186 -13.61 -4.08 3.69
N ASP A 187 -14.87 -3.65 3.82
CA ASP A 187 -15.95 -4.67 3.99
C ASP A 187 -16.12 -5.43 2.64
N ARG A 188 -15.98 -4.71 1.53
CA ARG A 188 -16.07 -5.36 0.27
C ARG A 188 -15.00 -6.40 0.05
N ILE A 189 -13.76 -6.06 0.51
CA ILE A 189 -12.62 -7.05 0.39
C ILE A 189 -13.02 -8.30 1.15
N GLN A 190 -13.51 -8.18 2.35
CA GLN A 190 -13.84 -9.40 3.11
C GLN A 190 -15.03 -10.23 2.57
N GLN A 191 -15.99 -9.54 2.02
CA GLN A 191 -17.10 -10.23 1.41
C GLN A 191 -16.67 -11.06 0.14
N ILE A 192 -15.71 -10.49 -0.63
CA ILE A 192 -15.26 -11.21 -1.86
C ILE A 192 -14.47 -12.32 -1.42
N GLN A 193 -13.73 -12.12 -0.34
CA GLN A 193 -12.98 -13.29 0.16
C GLN A 193 -13.91 -14.47 0.55
N THR A 194 -15.03 -14.19 1.26
CA THR A 194 -15.75 -15.41 1.75
C THR A 194 -16.60 -15.91 0.50
N ALA A 195 -16.99 -14.99 -0.33
CA ALA A 195 -17.64 -15.41 -1.55
C ALA A 195 -16.69 -16.33 -2.46
N PHE A 196 -15.41 -16.08 -2.51
CA PHE A 196 -14.52 -16.81 -3.42
C PHE A 196 -14.36 -18.07 -2.73
N GLU A 197 -14.28 -18.01 -1.37
CA GLU A 197 -14.08 -19.32 -0.69
C GLU A 197 -15.33 -20.30 -0.86
N ASN A 198 -16.52 -19.75 -0.84
CA ASN A 198 -17.79 -20.60 -0.95
C ASN A 198 -17.75 -21.19 -2.43
N ASN A 199 -17.35 -20.38 -3.43
CA ASN A 199 -17.26 -20.87 -4.82
C ASN A 199 -16.30 -21.95 -4.97
N LEU A 200 -15.16 -21.83 -4.31
CA LEU A 200 -14.19 -22.87 -4.34
C LEU A 200 -14.76 -24.24 -3.78
N LYS A 201 -15.53 -24.14 -2.67
CA LYS A 201 -16.20 -25.30 -2.03
C LYS A 201 -17.24 -25.90 -3.10
N ILE A 202 -18.12 -25.08 -3.66
CA ILE A 202 -19.06 -25.52 -4.68
C ILE A 202 -18.30 -26.22 -5.85
N MET A 203 -17.22 -25.57 -6.31
CA MET A 203 -16.42 -26.12 -7.32
C MET A 203 -15.84 -27.50 -6.96
N LYS A 204 -15.35 -27.65 -5.74
CA LYS A 204 -14.73 -28.94 -5.52
C LYS A 204 -15.91 -30.00 -5.38
N ARG A 205 -17.05 -29.63 -4.86
CA ARG A 205 -18.05 -30.61 -4.78
C ARG A 205 -18.52 -30.95 -6.24
N ARG A 206 -18.59 -30.00 -7.16
CA ARG A 206 -18.91 -30.34 -8.59
C ARG A 206 -17.82 -31.17 -9.25
N VAL A 207 -16.53 -31.01 -8.97
CA VAL A 207 -15.69 -31.88 -9.68
C VAL A 207 -15.78 -33.37 -9.18
N LEU A 208 -16.21 -33.63 -7.95
CA LEU A 208 -16.38 -35.03 -7.53
C LEU A 208 -17.40 -35.69 -8.53
N ALA A 209 -18.50 -35.02 -8.91
CA ALA A 209 -19.43 -35.56 -9.91
C ALA A 209 -18.88 -35.72 -11.27
N VAL A 210 -17.61 -35.41 -11.50
CA VAL A 210 -17.02 -35.62 -12.83
C VAL A 210 -16.48 -37.12 -13.05
N GLU A 211 -17.11 -37.71 -14.07
CA GLU A 211 -16.89 -39.03 -14.60
C GLU A 211 -15.47 -39.35 -15.12
N ASP A 212 -14.94 -38.59 -16.05
CA ASP A 212 -13.63 -39.01 -16.56
C ASP A 212 -12.69 -38.95 -15.34
N PRO A 213 -12.16 -40.11 -14.88
CA PRO A 213 -11.24 -40.28 -13.71
C PRO A 213 -10.02 -39.40 -13.66
N THR A 214 -9.38 -39.28 -14.81
CA THR A 214 -8.22 -38.42 -15.03
C THR A 214 -8.60 -36.90 -14.96
N ARG A 215 -9.69 -36.50 -15.68
CA ARG A 215 -10.08 -35.11 -15.64
C ARG A 215 -10.36 -34.76 -14.23
N SER A 216 -11.11 -35.61 -13.56
CA SER A 216 -11.50 -35.39 -12.21
C SER A 216 -10.27 -35.13 -11.38
N LYS A 217 -9.23 -35.96 -11.51
CA LYS A 217 -8.22 -35.60 -10.59
C LYS A 217 -7.35 -34.45 -11.05
N GLN A 218 -7.15 -34.20 -12.38
CA GLN A 218 -6.34 -33.08 -12.66
C GLN A 218 -7.14 -31.80 -12.19
N MET A 219 -8.49 -31.72 -12.25
CA MET A 219 -9.20 -30.54 -11.87
C MET A 219 -9.07 -30.40 -10.37
N SER A 220 -9.05 -31.55 -9.71
CA SER A 220 -9.15 -31.47 -8.29
C SER A 220 -7.75 -30.97 -7.67
N GLN A 221 -6.65 -31.35 -8.27
CA GLN A 221 -5.47 -30.81 -7.76
C GLN A 221 -5.30 -29.33 -8.14
N LEU A 222 -5.88 -28.84 -9.22
CA LEU A 222 -5.73 -27.41 -9.56
C LEU A 222 -6.49 -26.65 -8.54
N LEU A 223 -7.61 -27.21 -8.13
CA LEU A 223 -8.41 -26.47 -7.18
C LEU A 223 -7.66 -26.48 -5.81
N THR A 224 -6.86 -27.55 -5.56
CA THR A 224 -6.28 -27.45 -4.24
C THR A 224 -5.06 -26.39 -4.28
N GLU A 225 -4.40 -26.21 -5.50
CA GLU A 225 -3.39 -25.20 -5.71
C GLU A 225 -4.03 -23.80 -5.55
N LEU A 226 -5.25 -23.63 -6.08
CA LEU A 226 -5.98 -22.33 -6.06
C LEU A 226 -6.36 -22.07 -4.64
N GLY A 227 -6.74 -23.14 -3.92
CA GLY A 227 -7.13 -22.89 -2.59
C GLY A 227 -5.95 -22.44 -1.68
N LYS A 228 -4.71 -22.84 -2.03
CA LYS A 228 -3.58 -22.47 -1.20
C LYS A 228 -3.38 -20.96 -1.42
N ARG A 229 -3.83 -20.45 -2.56
CA ARG A 229 -3.48 -18.97 -2.85
C ARG A 229 -4.49 -18.00 -2.28
N GLN A 230 -5.45 -18.55 -1.50
CA GLN A 230 -6.45 -17.73 -0.91
C GLN A 230 -5.76 -16.80 0.12
N VAL A 231 -4.53 -17.07 0.54
CA VAL A 231 -3.75 -16.12 1.47
C VAL A 231 -3.68 -14.77 0.74
N VAL A 232 -3.89 -14.68 -0.60
CA VAL A 232 -3.83 -13.28 -1.25
C VAL A 232 -4.89 -12.31 -0.63
N PHE A 233 -6.05 -12.80 -0.14
CA PHE A 233 -7.02 -11.92 0.41
C PHE A 233 -6.45 -11.38 1.81
N THR A 234 -5.60 -12.11 2.54
CA THR A 234 -5.21 -11.45 3.77
C THR A 234 -4.13 -10.48 3.35
N ILE A 235 -3.46 -10.58 2.18
CA ILE A 235 -2.42 -9.54 1.80
C ILE A 235 -3.18 -8.28 1.31
N LEU A 236 -4.37 -8.50 0.71
CA LEU A 236 -5.20 -7.35 0.27
C LEU A 236 -5.66 -6.57 1.50
N LEU A 237 -5.95 -7.29 2.61
CA LEU A 237 -6.34 -6.52 3.82
C LEU A 237 -5.13 -5.75 4.40
N GLN A 238 -3.90 -6.37 4.37
CA GLN A 238 -2.80 -5.63 4.89
C GLN A 238 -2.56 -4.40 3.98
N GLN A 239 -2.72 -4.50 2.65
CA GLN A 239 -2.43 -3.40 1.78
C GLN A 239 -3.54 -2.37 2.17
N TYR A 240 -4.79 -2.79 2.45
CA TYR A 240 -5.77 -1.70 2.79
C TYR A 240 -5.30 -0.91 4.06
N GLU A 241 -4.99 -1.62 5.14
CA GLU A 241 -4.54 -1.03 6.41
C GLU A 241 -3.26 -0.18 6.19
N ASN A 242 -2.34 -0.63 5.31
CA ASN A 242 -1.09 0.11 5.12
C ASN A 242 -1.44 1.36 4.33
N ASN A 243 -2.33 1.26 3.37
CA ASN A 243 -2.69 2.53 2.63
C ASN A 243 -3.37 3.52 3.57
N GLU A 244 -4.17 2.99 4.49
CA GLU A 244 -4.88 3.91 5.31
C GLU A 244 -3.83 4.66 6.34
N GLN A 245 -2.95 3.89 6.87
CA GLN A 245 -1.95 4.37 7.77
C GLN A 245 -1.08 5.39 6.92
N SER A 246 -0.82 5.10 5.67
CA SER A 246 -0.02 6.06 4.97
C SER A 246 -0.78 7.41 4.68
N GLN A 247 -2.11 7.31 4.47
CA GLN A 247 -2.83 8.56 4.24
C GLN A 247 -2.90 9.40 5.54
N GLN A 248 -3.13 8.75 6.66
CA GLN A 248 -3.16 9.45 7.93
C GLN A 248 -1.81 10.11 8.22
N LEU A 249 -0.71 9.41 7.82
CA LEU A 249 0.62 9.92 8.07
C LEU A 249 0.87 11.20 7.20
N MET A 250 0.39 11.22 5.93
CA MET A 250 0.63 12.37 5.09
C MET A 250 -0.17 13.59 5.62
N GLN A 251 -1.30 13.40 6.12
CA GLN A 251 -2.12 14.45 6.68
C GLN A 251 -1.31 15.04 7.89
N LYS A 252 -0.74 14.16 8.70
CA LYS A 252 0.04 14.56 9.88
C LYS A 252 1.28 15.31 9.39
N THR A 253 1.86 14.98 8.27
CA THR A 253 2.99 15.74 7.79
C THR A 253 2.61 17.24 7.58
N LEU A 254 1.44 17.50 7.01
CA LEU A 254 1.04 18.94 6.70
C LEU A 254 0.86 19.60 8.08
N GLU A 255 0.15 18.98 9.00
CA GLU A 255 -0.01 19.62 10.31
C GLU A 255 1.31 19.80 11.06
N LEU A 256 2.27 18.85 10.91
CA LEU A 256 3.50 18.98 11.65
C LEU A 256 4.34 20.13 11.06
N PHE A 257 4.28 20.32 9.74
CA PHE A 257 5.08 21.36 9.18
C PHE A 257 4.47 22.77 9.48
N SER A 258 3.18 22.81 9.62
CA SER A 258 2.51 24.03 9.92
C SER A 258 2.86 24.33 11.39
N GLU A 259 2.86 23.36 12.29
CA GLU A 259 3.30 23.68 13.62
C GLU A 259 4.82 24.07 13.69
N LEU A 260 5.71 23.47 12.90
CA LEU A 260 7.06 23.83 12.98
C LEU A 260 7.24 25.39 12.55
N ASN A 261 6.59 25.82 11.48
CA ASN A 261 6.82 27.17 10.98
C ASN A 261 6.11 28.13 11.92
N SER A 262 5.07 27.69 12.58
CA SER A 262 4.40 28.60 13.49
C SER A 262 5.29 28.82 14.70
N THR A 263 6.09 27.85 15.12
CA THR A 263 7.06 28.08 16.23
C THR A 263 8.23 28.90 15.67
N VAL A 264 8.69 28.66 14.42
CA VAL A 264 9.80 29.50 14.03
C VAL A 264 9.24 30.98 13.83
N ASN A 265 8.04 31.21 13.40
CA ASN A 265 7.67 32.59 13.34
C ASN A 265 7.66 33.21 14.76
N LYS A 266 7.33 32.45 15.82
CA LYS A 266 7.33 33.04 17.13
C LYS A 266 8.73 33.33 17.47
N LEU A 267 9.72 32.51 17.09
CA LEU A 267 11.09 32.82 17.41
C LEU A 267 11.55 34.10 16.70
N VAL A 268 11.03 34.41 15.52
CA VAL A 268 11.51 35.58 14.85
C VAL A 268 10.83 36.88 15.46
N ASP A 269 9.96 36.76 16.45
CA ASP A 269 9.45 37.95 17.25
C ASP A 269 10.30 37.83 18.56
N ASP A 270 11.54 38.21 18.23
CA ASP A 270 12.85 38.34 18.86
C ASP A 270 13.26 39.68 18.13
N SER A 271 12.27 40.34 17.58
CA SER A 271 12.53 41.62 17.05
C SER A 271 11.54 42.26 18.11
#